data_3W83
#
_entry.id   3W83
#
_cell.length_a   68.162
_cell.length_b   71.717
_cell.length_c   129.918
_cell.angle_alpha   90.00
_cell.angle_beta   90.00
_cell.angle_gamma   90.00
#
_symmetry.space_group_name_H-M   'P 21 21 21'
#
loop_
_entity.id
_entity.type
_entity.pdbx_description
1 polymer 'Dihydroorotate dehydrogenase (fumarate)'
2 non-polymer '5-{2-[7-(methoxymethoxy)naphthalen-2-yl]ethyl}-2,6-dioxo-1,2,3,6-tetrahydropyrimidine-4-carboxylic acid'
3 non-polymer GLYCEROL
4 non-polymer 'FLAVIN MONONUCLEOTIDE'
5 non-polymer 'COBALT HEXAMMINE(III)'
6 water water
#
_entity_poly.entity_id   1
_entity_poly.type   'polypeptide(L)'
_entity_poly.pdbx_seq_one_letter_code
;MCLKLNLLDHVFANPFMNAAGVLCSTEEDLRCMTASSSGALVSKSCTSAPRDGNPEPRYMAFPLGSINSMGLPNLGFDFY
LKYASDLHDYSKKPLFLSISGLSVEENVAMVRRLAPVAQEKGVLLELNLSCPNVPGKPQVAYDFEAMRTYLQQVSLAYGL
PFGVKMPPYFDIAHFDTAAAVLNEFPLVKFVTCVNSVGNGLVIDAESESVVIKPKQGFGGLGGKYILPTALANVNAFYRR
CPDKLVFGCGGVYSGEDAFLHILAGASMVQVGTALQEEGPGIFTRLEDELLEIMARKGYRTLEEFRGRVKTIE
;
_entity_poly.pdbx_strand_id   A,B
#
# COMPACT_ATOMS: atom_id res chain seq x y z
N MET A 1 8.80 -1.79 36.14
CA MET A 1 8.91 -1.41 34.69
C MET A 1 9.29 -2.62 33.83
N CYS A 2 8.32 -3.16 33.08
CA CYS A 2 8.57 -4.39 32.31
C CYS A 2 7.78 -4.59 31.03
N LEU A 3 8.22 -5.57 30.25
CA LEU A 3 7.66 -5.87 28.94
C LEU A 3 6.86 -7.16 28.90
N LYS A 4 6.84 -7.88 30.02
CA LYS A 4 6.25 -9.22 30.13
C LYS A 4 4.76 -9.25 29.69
N LEU A 5 4.33 -10.33 29.05
CA LEU A 5 2.92 -10.52 28.69
C LEU A 5 2.48 -11.94 28.99
N ASN A 6 1.21 -12.10 29.36
CA ASN A 6 0.55 -13.40 29.31
C ASN A 6 -0.60 -13.38 28.32
N LEU A 7 -0.54 -14.24 27.33
CA LEU A 7 -1.67 -14.40 26.45
C LEU A 7 -1.68 -15.78 25.83
N LEU A 8 -2.79 -16.13 25.17
CA LEU A 8 -2.94 -17.42 24.54
C LEU A 8 -2.39 -18.46 25.50
N ASP A 9 -2.57 -18.16 26.79
CA ASP A 9 -2.19 -19.04 27.87
C ASP A 9 -0.70 -19.37 27.86
N HIS A 10 0.10 -18.38 27.47
CA HIS A 10 1.56 -18.53 27.39
C HIS A 10 2.19 -17.30 27.98
N VAL A 11 3.39 -17.44 28.51
CA VAL A 11 4.09 -16.29 29.10
C VAL A 11 5.29 -15.82 28.26
N PHE A 12 5.27 -14.52 27.92
CA PHE A 12 6.29 -13.89 27.06
C PHE A 12 7.17 -12.85 27.79
N ALA A 13 8.48 -13.08 27.77
CA ALA A 13 9.44 -12.17 28.35
C ALA A 13 9.26 -10.75 27.79
N ASN A 14 8.90 -10.67 26.51
CA ASN A 14 8.71 -9.39 25.87
C ASN A 14 7.78 -9.48 24.65
N PRO A 15 7.44 -8.35 24.03
CA PRO A 15 6.49 -8.48 22.93
C PRO A 15 7.12 -8.77 21.58
N PHE A 16 8.46 -8.78 21.52
CA PHE A 16 9.15 -8.88 20.24
C PHE A 16 9.30 -10.29 19.74
N MET A 17 9.01 -10.46 18.46
CA MET A 17 9.29 -11.72 17.76
C MET A 17 9.70 -11.41 16.33
N ASN A 18 10.30 -12.39 15.66
CA ASN A 18 10.54 -12.26 14.23
C ASN A 18 9.24 -12.33 13.45
N ALA A 19 9.27 -11.87 12.20
CA ALA A 19 8.13 -12.06 11.29
C ALA A 19 8.24 -13.43 10.57
N ALA A 20 7.12 -14.02 10.20
CA ALA A 20 7.20 -15.28 9.44
C ALA A 20 8.09 -15.09 8.18
N GLY A 21 8.92 -16.09 7.87
CA GLY A 21 9.87 -15.99 6.77
C GLY A 21 11.21 -15.38 7.13
N VAL A 22 11.30 -14.61 8.22
CA VAL A 22 12.59 -13.99 8.53
C VAL A 22 13.36 -14.78 9.59
N LEU A 23 14.60 -15.14 9.25
CA LEU A 23 15.48 -15.88 10.15
C LEU A 23 14.69 -16.97 10.88
N CYS A 24 14.07 -17.86 10.12
CA CYS A 24 13.27 -18.93 10.72
C CYS A 24 13.11 -20.23 9.89
N SER A 25 13.74 -20.32 8.73
CA SER A 25 13.54 -21.45 7.83
C SER A 25 14.22 -22.78 8.23
N THR A 26 15.39 -22.71 8.86
CA THR A 26 16.22 -23.87 9.11
C THR A 26 16.40 -24.07 10.61
N GLU A 27 16.78 -25.29 10.99
CA GLU A 27 17.08 -25.61 12.39
C GLU A 27 18.12 -24.65 12.97
N GLU A 28 19.01 -24.19 12.13
CA GLU A 28 19.97 -23.15 12.50
C GLU A 28 19.25 -21.86 12.86
N ASP A 29 18.52 -21.29 11.90
CA ASP A 29 17.74 -20.05 12.09
C ASP A 29 16.90 -20.11 13.36
N LEU A 30 16.15 -21.22 13.48
CA LEU A 30 15.28 -21.46 14.61
C LEU A 30 16.05 -21.48 15.93
N ARG A 31 17.15 -22.25 15.99
CA ARG A 31 17.97 -22.31 17.21
C ARG A 31 18.45 -20.91 17.59
N CYS A 32 19.04 -20.23 16.61
CA CYS A 32 19.46 -18.83 16.70
C CYS A 32 18.38 -17.87 17.17
N MET A 33 17.17 -17.95 16.60
CA MET A 33 16.05 -17.12 17.06
C MET A 33 15.78 -17.42 18.53
N THR A 34 15.83 -18.71 18.88
CA THR A 34 15.67 -19.12 20.26
C THR A 34 16.75 -18.57 21.20
N ALA A 35 18.02 -18.65 20.77
CA ALA A 35 19.14 -18.08 21.54
C ALA A 35 19.10 -16.55 21.66
N SER A 36 18.38 -15.90 20.73
CA SER A 36 18.14 -14.46 20.77
C SER A 36 17.23 -14.07 21.92
N SER A 37 17.05 -12.77 22.09
CA SER A 37 16.28 -12.30 23.22
C SER A 37 14.86 -11.87 22.81
N SER A 38 14.45 -12.36 21.64
CA SER A 38 13.07 -12.26 21.22
C SER A 38 12.20 -12.86 22.31
N GLY A 39 10.99 -12.30 22.43
CA GLY A 39 9.98 -12.83 23.33
C GLY A 39 9.39 -14.15 22.87
N ALA A 40 9.34 -14.37 21.55
CA ALA A 40 8.74 -15.58 20.93
C ALA A 40 9.45 -15.83 19.60
N LEU A 41 9.14 -16.93 18.90
CA LEU A 41 9.53 -17.04 17.48
C LEU A 41 8.47 -17.73 16.63
N VAL A 42 8.49 -17.46 15.34
CA VAL A 42 7.60 -18.11 14.39
C VAL A 42 8.42 -18.67 13.24
N SER A 43 7.99 -19.84 12.78
CA SER A 43 8.70 -20.60 11.76
C SER A 43 8.25 -20.17 10.38
N LYS A 44 9.18 -20.17 9.43
CA LYS A 44 8.86 -19.92 8.03
C LYS A 44 7.59 -20.67 7.63
N SER A 45 6.73 -19.97 6.88
CA SER A 45 5.43 -20.51 6.46
C SER A 45 5.68 -21.76 5.63
N CYS A 46 5.02 -22.85 5.98
CA CYS A 46 5.29 -24.13 5.32
C CYS A 46 4.13 -24.72 4.50
N THR A 47 4.52 -25.49 3.49
CA THR A 47 3.64 -26.28 2.63
C THR A 47 3.87 -27.75 2.97
N SER A 48 3.00 -28.62 2.48
CA SER A 48 3.12 -30.08 2.74
C SER A 48 4.47 -30.70 2.37
N ALA A 49 4.92 -30.44 1.14
CA ALA A 49 6.18 -30.96 0.59
C ALA A 49 7.26 -29.86 0.62
N PRO A 50 8.56 -30.25 0.68
CA PRO A 50 9.62 -29.24 0.67
C PRO A 50 9.57 -28.42 -0.61
N ARG A 51 10.08 -27.18 -0.55
CA ARG A 51 10.08 -26.29 -1.68
C ARG A 51 11.41 -25.56 -1.87
N ASP A 52 11.70 -25.25 -3.14
CA ASP A 52 12.88 -24.49 -3.54
C ASP A 52 12.56 -23.01 -3.59
N GLY A 53 11.27 -22.69 -3.74
CA GLY A 53 10.83 -21.34 -4.03
C GLY A 53 11.36 -20.83 -5.37
N ASN A 54 11.26 -19.51 -5.58
CA ASN A 54 11.55 -18.86 -6.86
C ASN A 54 13.05 -18.67 -7.08
N PRO A 55 13.44 -18.32 -8.32
CA PRO A 55 14.81 -18.04 -8.71
C PRO A 55 15.39 -16.79 -8.05
N GLU A 56 16.71 -16.75 -7.94
CA GLU A 56 17.40 -15.63 -7.36
C GLU A 56 17.83 -14.66 -8.44
N PRO A 57 17.97 -13.37 -8.09
CA PRO A 57 17.65 -12.74 -6.81
C PRO A 57 16.13 -12.62 -6.54
N ARG A 58 15.75 -12.78 -5.28
CA ARG A 58 14.33 -12.74 -4.89
C ARG A 58 14.04 -11.88 -3.65
N TYR A 59 15.09 -11.51 -2.93
CA TYR A 59 14.97 -10.49 -1.88
C TYR A 59 16.03 -9.41 -2.08
N MET A 60 15.65 -8.15 -1.87
CA MET A 60 16.61 -7.05 -1.88
C MET A 60 16.18 -5.99 -0.86
N ALA A 61 17.13 -5.49 -0.08
CA ALA A 61 16.82 -4.45 0.91
C ALA A 61 17.47 -3.11 0.57
N PHE A 62 16.91 -2.02 1.11
CA PHE A 62 17.37 -0.66 0.79
C PHE A 62 17.15 0.28 1.97
N PRO A 63 17.69 1.53 1.91
CA PRO A 63 17.45 2.40 3.05
C PRO A 63 16.00 2.40 3.53
N LEU A 64 15.05 2.13 2.63
CA LEU A 64 13.65 2.35 2.98
C LEU A 64 12.82 1.10 3.11
N GLY A 65 13.46 -0.05 2.97
CA GLY A 65 12.75 -1.31 3.07
C GLY A 65 13.23 -2.37 2.12
N SER A 66 12.36 -3.34 1.85
CA SER A 66 12.72 -4.54 1.08
C SER A 66 11.62 -4.97 0.12
N ILE A 67 12.00 -5.78 -0.85
CA ILE A 67 11.05 -6.33 -1.84
C ILE A 67 11.33 -7.82 -1.97
N ASN A 68 10.29 -8.66 -2.11
CA ASN A 68 10.50 -10.12 -2.25
C ASN A 68 9.42 -10.91 -3.02
N SER A 69 9.87 -11.92 -3.78
CA SER A 69 9.04 -13.08 -4.20
C SER A 69 9.87 -14.34 -4.00
N MET A 70 9.92 -14.77 -2.75
CA MET A 70 10.58 -16.00 -2.37
C MET A 70 9.89 -17.24 -2.96
N GLY A 71 8.56 -17.20 -3.07
CA GLY A 71 7.84 -18.32 -3.62
C GLY A 71 7.72 -19.46 -2.63
N LEU A 72 7.78 -19.13 -1.35
CA LEU A 72 7.48 -20.08 -0.29
C LEU A 72 8.46 -21.26 -0.21
N PRO A 73 9.78 -20.96 -0.33
CA PRO A 73 10.83 -21.93 -0.02
C PRO A 73 10.79 -22.29 1.43
N ASN A 74 10.85 -23.57 1.74
CA ASN A 74 10.71 -24.04 3.12
C ASN A 74 11.01 -25.53 3.13
N LEU A 75 11.27 -26.07 4.31
CA LEU A 75 11.75 -27.45 4.47
C LEU A 75 10.62 -28.49 4.49
N GLY A 76 9.38 -28.05 4.28
CA GLY A 76 8.23 -28.94 4.24
C GLY A 76 7.65 -29.16 5.62
N PHE A 77 6.35 -29.31 5.68
CA PHE A 77 5.66 -29.38 6.95
C PHE A 77 6.28 -30.34 7.98
N ASP A 78 6.71 -31.52 7.54
CA ASP A 78 7.28 -32.52 8.44
C ASP A 78 8.47 -32.00 9.26
N PHE A 79 9.35 -31.24 8.62
CA PHE A 79 10.46 -30.67 9.36
C PHE A 79 9.99 -29.74 10.47
N TYR A 80 9.05 -28.84 10.17
CA TYR A 80 8.61 -27.82 11.15
C TYR A 80 7.81 -28.44 12.28
N LEU A 81 7.14 -29.54 11.97
CA LEU A 81 6.43 -30.31 12.97
C LEU A 81 7.37 -31.06 13.95
N LYS A 82 8.44 -31.66 13.41
CA LYS A 82 9.43 -32.35 14.23
C LYS A 82 10.14 -31.34 15.10
N TYR A 83 10.29 -30.14 14.58
CA TYR A 83 10.92 -29.07 15.35
C TYR A 83 10.03 -28.70 16.54
N ALA A 84 8.75 -28.47 16.28
CA ALA A 84 7.82 -28.16 17.36
C ALA A 84 7.83 -29.22 18.47
N SER A 85 7.73 -30.50 18.05
CA SER A 85 7.52 -31.61 18.97
C SER A 85 8.79 -32.16 19.63
N ASP A 86 9.92 -32.14 18.94
CA ASP A 86 11.14 -32.80 19.44
C ASP A 86 12.32 -31.87 19.76
N LEU A 87 12.43 -30.75 19.05
CA LEU A 87 13.65 -29.93 19.05
C LEU A 87 13.58 -28.62 19.81
N HIS A 88 12.45 -27.92 19.72
CA HIS A 88 12.32 -26.61 20.33
C HIS A 88 12.26 -26.63 21.87
N ASP A 89 13.04 -25.76 22.51
CA ASP A 89 13.05 -25.59 23.98
C ASP A 89 11.97 -24.59 24.43
N TYR A 90 10.79 -25.07 24.76
CA TYR A 90 9.68 -24.21 25.18
C TYR A 90 9.96 -23.52 26.51
N SER A 91 10.99 -23.96 27.22
CA SER A 91 11.38 -23.34 28.48
C SER A 91 12.02 -21.96 28.26
N LYS A 92 12.44 -21.69 27.02
CA LYS A 92 13.07 -20.43 26.62
C LYS A 92 12.03 -19.41 26.17
N LYS A 93 11.21 -19.83 25.21
CA LYS A 93 10.17 -18.97 24.67
C LYS A 93 9.08 -19.78 23.98
N PRO A 94 7.88 -19.19 23.89
CA PRO A 94 6.86 -19.91 23.13
C PRO A 94 7.29 -20.06 21.68
N LEU A 95 6.92 -21.17 21.04
CA LEU A 95 7.04 -21.27 19.58
C LEU A 95 5.68 -21.07 18.91
N PHE A 96 5.64 -20.29 17.83
CA PHE A 96 4.53 -20.28 16.86
C PHE A 96 4.95 -21.09 15.64
N LEU A 97 4.01 -21.73 14.94
CA LEU A 97 4.32 -22.40 13.68
C LEU A 97 3.36 -21.86 12.61
N SER A 98 3.91 -21.51 11.46
CA SER A 98 3.09 -20.83 10.44
C SER A 98 2.84 -21.73 9.21
N ILE A 99 1.60 -21.94 8.85
CA ILE A 99 1.35 -22.81 7.70
C ILE A 99 0.81 -22.03 6.51
N SER A 100 1.28 -22.37 5.32
CA SER A 100 0.85 -21.63 4.15
C SER A 100 0.61 -22.56 2.98
N GLY A 101 -0.40 -23.41 3.12
CA GLY A 101 -0.78 -24.36 2.06
C GLY A 101 -1.34 -23.74 0.80
N LEU A 102 -1.12 -24.43 -0.32
CA LEU A 102 -1.48 -23.88 -1.62
C LEU A 102 -2.96 -24.13 -2.00
N SER A 103 -3.66 -24.87 -1.14
CA SER A 103 -5.10 -25.09 -1.26
C SER A 103 -5.67 -25.29 0.14
N VAL A 104 -7.00 -25.28 0.23
CA VAL A 104 -7.67 -25.53 1.51
C VAL A 104 -7.36 -26.95 2.00
N GLU A 105 -7.43 -27.92 1.08
CA GLU A 105 -7.08 -29.34 1.36
C GLU A 105 -5.72 -29.51 2.01
N GLU A 106 -4.70 -28.92 1.38
CA GLU A 106 -3.33 -29.00 1.85
C GLU A 106 -3.21 -28.47 3.30
N ASN A 107 -3.92 -27.38 3.60
CA ASN A 107 -3.96 -26.75 4.95
C ASN A 107 -4.69 -27.55 6.01
N VAL A 108 -5.72 -28.28 5.61
CA VAL A 108 -6.45 -29.17 6.51
C VAL A 108 -5.57 -30.38 6.88
N ALA A 109 -4.99 -31.03 5.88
CA ALA A 109 -4.06 -32.12 6.13
C ALA A 109 -3.02 -31.76 7.20
N MET A 110 -2.41 -30.59 7.10
CA MET A 110 -1.34 -30.25 8.05
C MET A 110 -1.83 -30.02 9.49
N VAL A 111 -2.94 -29.29 9.64
CA VAL A 111 -3.45 -28.92 10.97
C VAL A 111 -3.97 -30.14 11.74
N ARG A 112 -4.43 -31.14 10.99
CA ARG A 112 -4.95 -32.35 11.62
C ARG A 112 -3.86 -32.99 12.40
N ARG A 113 -2.66 -33.00 11.80
CA ARG A 113 -1.49 -33.64 12.37
C ARG A 113 -0.74 -32.73 13.37
N LEU A 114 -0.97 -31.42 13.26
CA LEU A 114 -0.40 -30.44 14.16
C LEU A 114 -1.14 -30.43 15.48
N ALA A 115 -2.46 -30.47 15.39
CA ALA A 115 -3.35 -30.47 16.54
C ALA A 115 -2.87 -31.28 17.75
N PRO A 116 -2.42 -32.54 17.56
CA PRO A 116 -1.91 -33.30 18.71
C PRO A 116 -0.66 -32.70 19.34
N VAL A 117 0.28 -32.23 18.51
CA VAL A 117 1.46 -31.52 19.01
C VAL A 117 1.10 -30.15 19.64
N ALA A 118 0.20 -29.40 19.00
CA ALA A 118 -0.32 -28.16 19.58
C ALA A 118 -0.91 -28.39 20.98
N GLN A 119 -1.67 -29.47 21.14
CA GLN A 119 -2.25 -29.77 22.44
C GLN A 119 -1.19 -30.12 23.49
N GLU A 120 -0.28 -31.03 23.15
CA GLU A 120 0.69 -31.51 24.12
C GLU A 120 1.84 -30.54 24.41
N LYS A 121 2.48 -30.06 23.34
CA LYS A 121 3.64 -29.17 23.44
C LYS A 121 3.33 -27.67 23.58
N GLY A 122 2.20 -27.22 23.08
CA GLY A 122 1.81 -25.82 23.30
C GLY A 122 2.11 -24.86 22.16
N VAL A 123 2.90 -25.30 21.19
CA VAL A 123 3.11 -24.56 19.94
C VAL A 123 1.80 -23.98 19.39
N LEU A 124 1.89 -22.85 18.71
CA LEU A 124 0.72 -22.08 18.33
C LEU A 124 0.67 -21.84 16.82
N LEU A 125 -0.53 -22.01 16.25
CA LEU A 125 -0.69 -21.95 14.80
C LEU A 125 -0.95 -20.53 14.33
N GLU A 126 -0.12 -20.06 13.39
CA GLU A 126 -0.42 -18.85 12.60
C GLU A 126 -0.71 -19.32 11.17
N LEU A 127 -1.98 -19.39 10.83
CA LEU A 127 -2.40 -19.66 9.46
C LEU A 127 -2.12 -18.47 8.52
N ASN A 128 -1.32 -18.70 7.49
CA ASN A 128 -1.03 -17.63 6.54
C ASN A 128 -2.05 -17.49 5.40
N LEU A 129 -2.93 -16.50 5.51
CA LEU A 129 -4.04 -16.25 4.56
C LEU A 129 -3.66 -15.36 3.41
N SER A 130 -2.46 -14.81 3.46
CA SER A 130 -1.94 -14.06 2.36
C SER A 130 -1.24 -15.09 1.49
N CYS A 131 -1.84 -16.28 1.41
CA CYS A 131 -1.31 -17.39 0.61
C CYS A 131 -1.99 -17.43 -0.75
N PRO A 132 -1.24 -17.84 -1.79
CA PRO A 132 -1.83 -17.92 -3.11
C PRO A 132 -2.98 -18.94 -3.19
N ASN A 133 -4.02 -18.55 -3.90
CA ASN A 133 -5.10 -19.43 -4.24
C ASN A 133 -5.17 -19.38 -5.75
N VAL A 134 -5.89 -20.33 -6.34
CA VAL A 134 -5.93 -20.55 -7.81
C VAL A 134 -5.50 -19.33 -8.67
N PRO A 135 -4.42 -19.51 -9.48
CA PRO A 135 -3.87 -18.48 -10.38
C PRO A 135 -4.95 -17.79 -11.21
N GLY A 136 -5.00 -16.46 -11.12
CA GLY A 136 -6.07 -15.69 -11.76
C GLY A 136 -7.14 -15.17 -10.79
N LYS A 137 -7.08 -15.66 -9.55
CA LYS A 137 -7.92 -15.13 -8.48
C LYS A 137 -7.01 -14.39 -7.49
N PRO A 138 -7.60 -13.49 -6.67
CA PRO A 138 -6.72 -12.78 -5.75
C PRO A 138 -6.28 -13.67 -4.59
N GLN A 139 -5.13 -13.36 -3.99
CA GLN A 139 -4.69 -14.07 -2.79
C GLN A 139 -5.84 -14.20 -1.79
N VAL A 140 -5.79 -15.22 -0.93
CA VAL A 140 -7.00 -15.67 -0.22
C VAL A 140 -7.75 -14.55 0.54
N ALA A 141 -7.04 -13.75 1.34
CA ALA A 141 -7.70 -12.71 2.12
C ALA A 141 -8.38 -11.62 1.29
N TYR A 142 -8.02 -11.53 0.01
CA TYR A 142 -8.68 -10.56 -0.86
C TYR A 142 -9.95 -11.14 -1.48
N ASP A 143 -10.24 -12.39 -1.15
CA ASP A 143 -11.34 -13.17 -1.68
C ASP A 143 -12.12 -13.73 -0.48
N PHE A 144 -13.18 -13.02 -0.09
CA PHE A 144 -13.86 -13.26 1.19
C PHE A 144 -14.66 -14.56 1.29
N GLU A 145 -14.96 -15.19 0.14
CA GLU A 145 -15.54 -16.54 0.19
C GLU A 145 -14.47 -17.60 0.51
N ALA A 146 -13.37 -17.54 -0.23
CA ALA A 146 -12.27 -18.45 0.00
C ALA A 146 -11.81 -18.40 1.46
N MET A 147 -11.79 -17.19 2.01
CA MET A 147 -11.39 -16.97 3.39
C MET A 147 -12.42 -17.58 4.37
N ARG A 148 -13.70 -17.42 4.08
CA ARG A 148 -14.72 -18.03 4.92
C ARG A 148 -14.53 -19.53 4.87
N THR A 149 -14.39 -20.04 3.64
CA THR A 149 -14.14 -21.45 3.38
C THR A 149 -12.93 -22.00 4.13
N TYR A 150 -11.75 -21.44 3.88
CA TYR A 150 -10.53 -21.86 4.56
C TYR A 150 -10.67 -21.93 6.12
N LEU A 151 -11.33 -20.94 6.71
CA LEU A 151 -11.51 -20.87 8.18
C LEU A 151 -12.54 -21.83 8.81
N GLN A 152 -13.64 -22.10 8.12
CA GLN A 152 -14.55 -23.16 8.54
C GLN A 152 -13.74 -24.45 8.60
N GLN A 153 -13.09 -24.73 7.48
CA GLN A 153 -12.42 -25.99 7.23
C GLN A 153 -11.32 -26.23 8.22
N VAL A 154 -10.46 -25.23 8.42
CA VAL A 154 -9.36 -25.32 9.38
C VAL A 154 -9.88 -25.40 10.82
N SER A 155 -10.89 -24.59 11.15
CA SER A 155 -11.49 -24.63 12.49
C SER A 155 -11.90 -26.05 12.86
N LEU A 156 -12.73 -26.67 12.02
CA LEU A 156 -13.15 -28.07 12.16
C LEU A 156 -11.98 -29.05 12.24
N ALA A 157 -11.02 -28.90 11.34
CA ALA A 157 -9.85 -29.76 11.27
C ALA A 157 -8.97 -29.70 12.50
N TYR A 158 -8.85 -28.52 13.12
CA TYR A 158 -7.86 -28.21 14.15
C TYR A 158 -8.50 -28.12 15.56
N GLY A 159 -9.68 -27.51 15.63
CA GLY A 159 -10.46 -27.48 16.87
C GLY A 159 -9.74 -26.90 18.08
N LEU A 160 -8.69 -26.11 17.81
CA LEU A 160 -7.90 -25.45 18.84
C LEU A 160 -7.74 -23.96 18.52
N PRO A 161 -7.43 -23.15 19.55
CA PRO A 161 -6.98 -21.74 19.38
C PRO A 161 -5.85 -21.59 18.35
N PHE A 162 -5.98 -20.60 17.46
CA PHE A 162 -4.96 -20.27 16.45
C PHE A 162 -5.17 -18.86 15.91
N GLY A 163 -4.13 -18.30 15.29
CA GLY A 163 -4.19 -16.95 14.70
C GLY A 163 -4.07 -17.01 13.20
N VAL A 164 -4.44 -15.92 12.54
CA VAL A 164 -4.31 -15.81 11.10
C VAL A 164 -3.40 -14.65 10.81
N LYS A 165 -2.85 -14.63 9.59
CA LYS A 165 -1.92 -13.60 9.13
C LYS A 165 -2.54 -12.97 7.87
N MET A 166 -2.79 -11.65 7.96
CA MET A 166 -3.57 -10.86 6.99
C MET A 166 -2.70 -10.00 6.10
N PRO A 167 -3.11 -9.81 4.82
CA PRO A 167 -2.46 -8.80 3.99
C PRO A 167 -3.00 -7.44 4.37
N PRO A 168 -2.32 -6.38 3.97
CA PRO A 168 -2.90 -5.05 4.23
C PRO A 168 -4.20 -4.84 3.45
N TYR A 169 -5.13 -4.07 4.01
CA TYR A 169 -6.28 -3.54 3.25
C TYR A 169 -6.23 -2.02 3.21
N PHE A 170 -6.92 -1.44 2.22
CA PHE A 170 -6.85 0.00 1.95
C PHE A 170 -8.24 0.69 1.75
N ASP A 171 -9.32 -0.10 1.76
CA ASP A 171 -10.69 0.42 1.87
C ASP A 171 -11.31 0.05 3.25
N ILE A 172 -12.26 0.87 3.68
CA ILE A 172 -12.98 0.64 4.95
C ILE A 172 -13.96 -0.52 4.82
N ALA A 173 -14.62 -0.60 3.66
CA ALA A 173 -15.49 -1.73 3.37
C ALA A 173 -14.73 -3.06 3.44
N HIS A 174 -13.46 -3.04 2.99
CA HIS A 174 -12.56 -4.18 3.14
C HIS A 174 -12.19 -4.47 4.61
N PHE A 175 -11.93 -3.42 5.39
CA PHE A 175 -11.76 -3.62 6.84
C PHE A 175 -13.05 -4.15 7.45
N ASP A 176 -14.21 -3.60 7.07
CA ASP A 176 -15.47 -3.97 7.71
C ASP A 176 -15.82 -5.40 7.38
N THR A 177 -15.65 -5.78 6.09
CA THR A 177 -16.00 -7.13 5.60
C THR A 177 -15.04 -8.16 6.20
N ALA A 178 -13.74 -7.87 6.14
CA ALA A 178 -12.74 -8.80 6.66
C ALA A 178 -12.88 -9.14 8.14
N ALA A 179 -13.20 -8.17 8.99
CA ALA A 179 -13.32 -8.46 10.43
C ALA A 179 -14.57 -9.26 10.77
N ALA A 180 -15.65 -9.02 10.03
CA ALA A 180 -16.92 -9.69 10.25
C ALA A 180 -16.72 -11.19 10.01
N VAL A 181 -16.01 -11.51 8.93
CA VAL A 181 -15.63 -12.89 8.64
C VAL A 181 -14.89 -13.49 9.82
N LEU A 182 -13.76 -12.90 10.21
CA LEU A 182 -12.96 -13.38 11.34
C LEU A 182 -13.74 -13.49 12.65
N ASN A 183 -14.72 -12.60 12.83
CA ASN A 183 -15.62 -12.61 13.99
C ASN A 183 -16.53 -13.86 14.08
N GLU A 184 -16.93 -14.37 12.91
CA GLU A 184 -17.66 -15.62 12.83
C GLU A 184 -16.94 -16.80 13.47
N PHE A 185 -15.64 -16.70 13.70
CA PHE A 185 -14.83 -17.87 14.04
C PHE A 185 -14.11 -17.82 15.40
N PRO A 186 -14.74 -18.39 16.45
CA PRO A 186 -14.29 -18.20 17.84
C PRO A 186 -12.91 -18.79 18.20
N LEU A 187 -12.38 -19.66 17.34
CA LEU A 187 -11.05 -20.23 17.58
C LEU A 187 -9.89 -19.35 17.04
N VAL A 188 -10.22 -18.38 16.18
CA VAL A 188 -9.25 -17.39 15.76
C VAL A 188 -9.00 -16.40 16.92
N LYS A 189 -7.95 -16.62 17.67
CA LYS A 189 -7.75 -15.84 18.87
C LYS A 189 -6.80 -14.67 18.65
N PHE A 190 -5.95 -14.75 17.64
CA PHE A 190 -5.16 -13.57 17.29
C PHE A 190 -5.23 -13.26 15.81
N VAL A 191 -4.94 -12.02 15.48
CA VAL A 191 -4.85 -11.61 14.09
C VAL A 191 -3.56 -10.79 13.87
N THR A 192 -2.75 -11.24 12.92
CA THR A 192 -1.49 -10.60 12.61
C THR A 192 -1.63 -9.70 11.40
N CYS A 193 -1.47 -8.40 11.67
CA CYS A 193 -1.49 -7.37 10.64
C CYS A 193 -0.12 -6.74 10.72
N VAL A 194 0.64 -6.76 9.62
CA VAL A 194 0.18 -7.19 8.33
C VAL A 194 1.31 -7.93 7.64
N ASN A 195 0.96 -8.68 6.59
CA ASN A 195 1.93 -9.22 5.64
C ASN A 195 2.44 -8.12 4.72
N SER A 196 3.40 -8.47 3.86
CA SER A 196 3.96 -7.51 2.92
C SER A 196 2.90 -6.82 2.05
N VAL A 197 3.22 -5.58 1.67
CA VAL A 197 2.36 -4.75 0.85
C VAL A 197 2.55 -5.23 -0.58
N GLY A 198 1.49 -5.86 -1.09
CA GLY A 198 1.58 -6.72 -2.29
C GLY A 198 1.95 -6.04 -3.59
N ASN A 199 2.87 -6.67 -4.33
CA ASN A 199 3.19 -6.31 -5.73
C ASN A 199 3.74 -4.91 -6.00
N GLY A 200 4.73 -4.53 -5.21
CA GLY A 200 5.39 -3.26 -5.44
C GLY A 200 6.41 -3.50 -6.51
N LEU A 201 6.99 -2.42 -7.01
CA LEU A 201 8.02 -2.54 -8.03
C LEU A 201 9.18 -1.63 -7.72
N VAL A 202 10.34 -2.24 -7.47
CA VAL A 202 11.58 -1.48 -7.32
C VAL A 202 12.45 -1.47 -8.58
N ILE A 203 12.73 -0.29 -9.09
CA ILE A 203 13.62 -0.13 -10.24
C ILE A 203 14.93 0.56 -9.83
N ASP A 204 16.04 0.03 -10.34
CA ASP A 204 17.35 0.61 -10.12
C ASP A 204 17.64 1.63 -11.21
N ALA A 205 17.87 2.88 -10.84
CA ALA A 205 18.06 3.93 -11.83
C ALA A 205 19.31 3.74 -12.67
N GLU A 206 20.40 3.24 -12.09
CA GLU A 206 21.66 3.14 -12.84
C GLU A 206 21.58 2.00 -13.84
N SER A 207 21.22 0.81 -13.40
CA SER A 207 21.08 -0.29 -14.35
C SER A 207 19.76 -0.26 -15.16
N GLU A 208 18.81 0.57 -14.77
CA GLU A 208 17.54 0.71 -15.49
C GLU A 208 16.75 -0.61 -15.47
N SER A 209 16.95 -1.37 -14.39
CA SER A 209 16.48 -2.73 -14.33
C SER A 209 15.79 -3.02 -12.99
N VAL A 210 14.81 -3.93 -13.02
CA VAL A 210 14.19 -4.48 -11.79
C VAL A 210 15.24 -5.18 -10.91
N VAL A 211 14.97 -5.32 -9.62
CA VAL A 211 16.02 -5.84 -8.69
C VAL A 211 15.81 -7.28 -8.20
N ILE A 212 14.59 -7.80 -8.42
CA ILE A 212 14.29 -9.20 -8.12
C ILE A 212 13.87 -9.90 -9.41
N LYS A 213 14.28 -11.15 -9.57
CA LYS A 213 14.07 -11.88 -10.80
C LYS A 213 12.64 -12.33 -11.05
N PRO A 214 11.98 -12.96 -10.04
CA PRO A 214 10.64 -13.48 -10.28
C PRO A 214 9.58 -12.42 -10.59
N LYS A 215 8.53 -12.85 -11.30
CA LYS A 215 7.32 -12.05 -11.49
C LYS A 215 7.64 -10.67 -12.08
N GLN A 216 8.52 -10.68 -13.09
CA GLN A 216 9.02 -9.48 -13.74
C GLN A 216 9.47 -8.38 -12.76
N GLY A 217 9.94 -8.82 -11.60
CA GLY A 217 10.51 -7.91 -10.63
C GLY A 217 9.49 -7.37 -9.67
N PHE A 218 8.22 -7.77 -9.85
CA PHE A 218 7.12 -7.42 -8.93
C PHE A 218 7.20 -8.25 -7.67
N GLY A 219 7.07 -7.61 -6.51
CA GLY A 219 7.12 -8.38 -5.26
C GLY A 219 6.56 -7.66 -4.04
N GLY A 220 6.51 -8.37 -2.92
CA GLY A 220 5.96 -7.83 -1.69
C GLY A 220 6.90 -6.85 -1.06
N LEU A 221 6.32 -5.82 -0.45
CA LEU A 221 7.09 -4.73 0.19
C LEU A 221 7.00 -4.80 1.70
N GLY A 222 8.12 -4.52 2.36
CA GLY A 222 8.12 -4.24 3.80
C GLY A 222 9.08 -3.11 4.19
N GLY A 223 9.14 -2.86 5.50
CA GLY A 223 10.15 -1.97 6.05
C GLY A 223 9.56 -0.61 6.27
N LYS A 224 10.40 0.43 6.15
CA LYS A 224 9.95 1.81 6.41
C LYS A 224 8.74 2.24 5.55
N TYR A 225 8.64 1.68 4.34
CA TYR A 225 7.56 2.00 3.42
C TYR A 225 6.22 1.73 4.06
N ILE A 226 6.10 0.73 4.92
CA ILE A 226 4.75 0.21 5.16
C ILE A 226 4.15 0.47 6.54
N LEU A 227 4.89 1.18 7.38
CA LEU A 227 4.53 1.40 8.77
C LEU A 227 3.14 2.00 8.93
N PRO A 228 2.84 3.08 8.18
CA PRO A 228 1.53 3.65 8.37
C PRO A 228 0.44 2.67 7.99
N THR A 229 0.62 2.01 6.84
CA THR A 229 -0.34 1.00 6.36
C THR A 229 -0.48 -0.08 7.43
N ALA A 230 0.62 -0.48 8.05
CA ALA A 230 0.57 -1.53 9.07
C ALA A 230 -0.14 -1.04 10.33
N LEU A 231 0.02 0.23 10.68
CA LEU A 231 -0.57 0.77 11.86
C LEU A 231 -2.06 0.99 11.65
N ALA A 232 -2.44 1.43 10.46
CA ALA A 232 -3.85 1.51 10.17
C ALA A 232 -4.57 0.14 10.31
N ASN A 233 -3.98 -0.91 9.74
CA ASN A 233 -4.61 -2.20 9.76
C ASN A 233 -4.77 -2.74 11.18
N VAL A 234 -3.66 -2.72 11.93
CA VAL A 234 -3.67 -3.07 13.33
C VAL A 234 -4.82 -2.31 14.03
N ASN A 235 -4.80 -0.99 13.99
CA ASN A 235 -5.82 -0.27 14.71
C ASN A 235 -7.24 -0.54 14.21
N ALA A 236 -7.43 -0.63 12.89
CA ALA A 236 -8.72 -1.06 12.32
C ALA A 236 -9.21 -2.41 12.88
N PHE A 237 -8.31 -3.40 12.99
CA PHE A 237 -8.73 -4.75 13.40
C PHE A 237 -8.87 -4.86 14.89
N TYR A 238 -8.18 -3.96 15.59
CA TYR A 238 -8.22 -3.94 17.03
C TYR A 238 -9.52 -3.36 17.49
N ARG A 239 -10.04 -2.41 16.73
CA ARG A 239 -11.33 -1.76 16.99
C ARG A 239 -12.50 -2.69 16.63
N ARG A 240 -12.37 -3.43 15.53
CA ARG A 240 -13.45 -4.26 15.03
C ARG A 240 -13.52 -5.64 15.63
N CYS A 241 -12.47 -6.07 16.37
CA CYS A 241 -12.39 -7.45 16.90
C CYS A 241 -12.07 -7.55 18.41
N PRO A 242 -12.99 -7.11 19.28
CA PRO A 242 -12.60 -7.00 20.69
C PRO A 242 -12.45 -8.31 21.46
N ASP A 243 -12.76 -9.47 20.86
CA ASP A 243 -12.51 -10.77 21.51
C ASP A 243 -11.28 -11.51 20.93
N LYS A 244 -10.41 -10.73 20.31
CA LYS A 244 -9.27 -11.25 19.61
C LYS A 244 -8.08 -10.35 19.88
N LEU A 245 -6.90 -10.91 19.74
CA LEU A 245 -5.66 -10.19 19.90
C LEU A 245 -5.17 -9.77 18.54
N VAL A 246 -4.70 -8.53 18.42
CA VAL A 246 -3.95 -8.14 17.22
C VAL A 246 -2.44 -8.18 17.49
N PHE A 247 -1.73 -8.85 16.58
CA PHE A 247 -0.26 -8.89 16.55
C PHE A 247 0.20 -7.91 15.46
N GLY A 248 1.11 -7.02 15.82
CA GLY A 248 1.51 -5.99 14.88
C GLY A 248 2.75 -6.42 14.13
N CYS A 249 2.76 -6.13 12.83
CA CYS A 249 3.90 -6.42 11.97
C CYS A 249 3.88 -5.39 10.83
N GLY A 250 5.00 -4.71 10.60
CA GLY A 250 5.10 -3.72 9.52
C GLY A 250 6.03 -2.58 9.85
N GLY A 251 7.24 -2.63 9.32
CA GLY A 251 8.18 -1.52 9.46
C GLY A 251 8.62 -1.12 10.85
N VAL A 252 8.87 -2.10 11.72
CA VAL A 252 9.46 -1.88 13.03
C VAL A 252 11.01 -1.88 12.94
N TYR A 253 11.62 -0.73 13.15
CA TYR A 253 13.09 -0.66 13.28
C TYR A 253 13.58 -0.22 14.68
N SER A 254 12.67 0.35 15.46
CA SER A 254 13.01 1.08 16.67
C SER A 254 12.00 0.80 17.78
N GLY A 255 12.36 1.11 19.03
CA GLY A 255 11.43 1.02 20.13
C GLY A 255 10.18 1.82 19.79
N GLU A 256 10.40 3.03 19.30
CA GLU A 256 9.33 3.94 18.95
C GLU A 256 8.37 3.27 17.98
N ASP A 257 8.91 2.62 16.94
CA ASP A 257 8.04 1.94 15.95
C ASP A 257 7.13 0.96 16.62
N ALA A 258 7.69 0.19 17.55
CA ALA A 258 6.92 -0.83 18.26
C ALA A 258 5.90 -0.18 19.20
N PHE A 259 6.34 0.89 19.88
CA PHE A 259 5.48 1.73 20.71
C PHE A 259 4.25 2.23 19.97
N LEU A 260 4.43 2.71 18.75
CA LEU A 260 3.26 3.07 17.93
C LEU A 260 2.37 1.84 17.60
N HIS A 261 3.00 0.69 17.32
CA HIS A 261 2.20 -0.51 17.11
C HIS A 261 1.39 -0.75 18.37
N ILE A 262 2.08 -0.83 19.50
CA ILE A 262 1.37 -1.13 20.71
C ILE A 262 0.27 -0.09 20.92
N LEU A 263 0.58 1.22 20.83
CA LEU A 263 -0.46 2.28 20.89
C LEU A 263 -1.66 2.00 19.99
N ALA A 264 -1.45 1.35 18.87
CA ALA A 264 -2.53 1.09 17.92
C ALA A 264 -3.37 -0.09 18.35
N GLY A 265 -2.90 -0.83 19.35
CA GLY A 265 -3.58 -2.04 19.81
C GLY A 265 -2.83 -3.38 19.74
N ALA A 266 -1.58 -3.36 19.27
CA ALA A 266 -0.69 -4.52 19.23
C ALA A 266 -0.41 -5.17 20.59
N SER A 267 -0.43 -6.50 20.60
CA SER A 267 -0.02 -7.31 21.75
C SER A 267 1.38 -7.89 21.53
N MET A 268 1.60 -8.65 20.46
CA MET A 268 2.95 -9.05 20.04
C MET A 268 3.40 -8.19 18.88
N VAL A 269 4.72 -8.05 18.73
CA VAL A 269 5.29 -7.13 17.76
C VAL A 269 6.40 -7.85 16.98
N GLN A 270 6.22 -7.95 15.66
CA GLN A 270 7.08 -8.76 14.83
C GLN A 270 7.99 -7.91 13.99
N VAL A 271 9.22 -8.41 13.77
CA VAL A 271 10.20 -7.73 12.93
C VAL A 271 10.57 -8.56 11.69
N GLY A 272 10.34 -7.98 10.51
CA GLY A 272 10.68 -8.63 9.26
C GLY A 272 11.96 -8.06 8.67
N THR A 273 11.81 -7.02 7.86
CA THR A 273 12.91 -6.45 7.11
C THR A 273 14.04 -6.09 8.03
N ALA A 274 13.71 -5.37 9.11
CA ALA A 274 14.74 -4.82 9.97
C ALA A 274 15.57 -5.93 10.50
N LEU A 275 14.90 -6.96 11.04
CA LEU A 275 15.57 -8.20 11.51
C LEU A 275 16.46 -8.81 10.42
N GLN A 276 15.90 -8.95 9.23
CA GLN A 276 16.64 -9.50 8.12
C GLN A 276 17.93 -8.71 7.92
N GLU A 277 17.86 -7.39 8.05
CA GLU A 277 19.00 -6.50 7.78
C GLU A 277 19.94 -6.29 8.93
N GLU A 278 19.47 -6.35 10.15
CA GLU A 278 20.30 -5.97 11.27
C GLU A 278 20.82 -7.17 12.05
N GLY A 279 19.95 -8.16 12.19
CA GLY A 279 20.32 -9.44 12.77
C GLY A 279 19.60 -9.60 14.08
N PRO A 280 19.67 -10.80 14.69
CA PRO A 280 18.93 -11.11 15.94
C PRO A 280 19.29 -10.17 17.11
N GLY A 281 20.52 -9.65 17.11
CA GLY A 281 20.90 -8.60 18.07
C GLY A 281 19.98 -7.39 18.06
N ILE A 282 19.01 -7.35 17.14
CA ILE A 282 18.10 -6.20 17.07
C ILE A 282 17.18 -6.17 18.27
N PHE A 283 16.75 -7.36 18.68
CA PHE A 283 15.82 -7.53 19.75
C PHE A 283 16.24 -6.86 21.07
N THR A 284 17.51 -6.90 21.44
CA THR A 284 17.93 -6.19 22.69
C THR A 284 17.83 -4.67 22.59
N ARG A 285 18.14 -4.13 21.40
CA ARG A 285 17.97 -2.70 21.11
C ARG A 285 16.51 -2.35 21.20
N LEU A 286 15.67 -3.12 20.50
CA LEU A 286 14.27 -2.79 20.50
C LEU A 286 13.75 -2.76 21.91
N GLU A 287 14.12 -3.74 22.72
CA GLU A 287 13.63 -3.73 24.10
C GLU A 287 14.06 -2.47 24.89
N ASP A 288 15.37 -2.23 24.95
CA ASP A 288 15.92 -1.05 25.59
C ASP A 288 15.23 0.23 25.13
N GLU A 289 15.08 0.36 23.80
CA GLU A 289 14.51 1.57 23.24
C GLU A 289 13.07 1.74 23.70
N LEU A 290 12.23 0.73 23.51
CA LEU A 290 10.86 0.80 24.04
C LEU A 290 10.90 1.15 25.52
N LEU A 291 11.64 0.39 26.31
CA LEU A 291 11.74 0.65 27.75
C LEU A 291 12.16 2.06 28.10
N GLU A 292 13.01 2.68 27.28
CA GLU A 292 13.44 4.04 27.59
C GLU A 292 12.27 4.96 27.41
N ILE A 293 11.47 4.68 26.39
CA ILE A 293 10.26 5.47 26.09
C ILE A 293 9.19 5.36 27.18
N MET A 294 8.87 4.13 27.55
CA MET A 294 8.05 3.88 28.69
C MET A 294 8.53 4.66 29.92
N ALA A 295 9.84 4.75 30.12
CA ALA A 295 10.35 5.43 31.31
C ALA A 295 10.11 6.95 31.25
N ARG A 296 10.48 7.53 30.11
CA ARG A 296 10.29 8.96 29.83
C ARG A 296 8.85 9.42 30.12
N LYS A 297 7.90 8.49 30.01
CA LYS A 297 6.47 8.78 30.16
C LYS A 297 5.89 8.15 31.39
N GLY A 298 6.71 7.45 32.17
CA GLY A 298 6.18 6.77 33.35
C GLY A 298 5.13 5.73 33.02
N TYR A 299 5.37 4.93 31.99
CA TYR A 299 4.59 3.72 31.69
C TYR A 299 5.31 2.52 32.28
N ARG A 300 4.58 1.64 32.95
CA ARG A 300 5.23 0.59 33.71
C ARG A 300 4.97 -0.83 33.18
N THR A 301 3.92 -0.95 32.38
CA THR A 301 3.53 -2.19 31.73
C THR A 301 2.92 -1.86 30.35
N LEU A 302 3.03 -2.79 29.40
CA LEU A 302 2.43 -2.60 28.07
C LEU A 302 0.95 -2.24 28.09
N GLU A 303 0.19 -2.86 28.99
CA GLU A 303 -1.27 -2.71 29.06
C GLU A 303 -1.71 -1.27 29.39
N GLU A 304 -0.80 -0.51 30.02
CA GLU A 304 -1.05 0.88 30.34
C GLU A 304 -1.32 1.75 29.12
N PHE A 305 -0.83 1.32 27.95
CA PHE A 305 -1.04 2.08 26.68
C PHE A 305 -1.48 1.33 25.41
N ARG A 306 -1.55 0.00 25.45
CA ARG A 306 -2.01 -0.75 24.28
C ARG A 306 -3.42 -0.35 23.88
N GLY A 307 -3.57 -0.09 22.58
CA GLY A 307 -4.81 0.41 21.99
C GLY A 307 -5.19 1.83 22.40
N ARG A 308 -4.33 2.49 23.15
CA ARG A 308 -4.75 3.72 23.83
C ARG A 308 -4.47 4.95 22.96
N VAL A 309 -4.16 4.73 21.69
CA VAL A 309 -4.05 5.82 20.75
C VAL A 309 -5.23 6.79 20.87
N LYS A 310 -4.91 8.08 20.84
CA LYS A 310 -5.92 9.13 20.98
C LYS A 310 -6.32 9.64 19.62
N THR A 311 -7.60 9.95 19.44
CA THR A 311 -8.00 10.72 18.27
C THR A 311 -8.17 12.20 18.63
N ILE A 312 -8.47 12.99 17.60
CA ILE A 312 -8.60 14.42 17.78
C ILE A 312 -10.08 14.83 17.99
N GLU A 313 -10.32 15.70 18.98
CA GLU A 313 -11.64 16.37 19.19
C GLU A 313 -12.66 16.20 18.04
N MET B 1 19.18 20.60 -25.91
CA MET B 1 18.26 19.47 -25.59
C MET B 1 17.07 19.87 -24.72
N CYS B 2 15.91 19.31 -25.06
CA CYS B 2 14.70 19.60 -24.32
C CYS B 2 13.78 18.38 -24.24
N LEU B 3 12.81 18.48 -23.34
CA LEU B 3 11.95 17.37 -22.98
C LEU B 3 10.56 17.55 -23.56
N LYS B 4 10.44 18.28 -24.67
CA LYS B 4 9.16 18.42 -25.36
C LYS B 4 8.52 17.08 -25.70
N LEU B 5 7.19 17.04 -25.67
CA LEU B 5 6.43 15.90 -26.18
C LEU B 5 5.02 16.26 -26.75
N ASN B 6 4.42 15.31 -27.47
CA ASN B 6 3.09 15.45 -28.04
C ASN B 6 2.21 14.34 -27.54
N LEU B 7 1.13 14.70 -26.85
CA LEU B 7 0.18 13.71 -26.38
C LEU B 7 -1.23 14.26 -26.55
N LEU B 8 -2.14 13.38 -26.94
CA LEU B 8 -3.54 13.73 -26.94
C LEU B 8 -3.78 15.01 -27.75
N ASP B 9 -3.04 15.18 -28.85
CA ASP B 9 -3.10 16.39 -29.67
C ASP B 9 -2.77 17.69 -28.89
N HIS B 10 -1.84 17.58 -27.95
CA HIS B 10 -1.32 18.77 -27.29
C HIS B 10 0.21 18.64 -27.20
N VAL B 11 0.87 19.80 -27.24
CA VAL B 11 2.31 19.92 -27.05
C VAL B 11 2.59 20.27 -25.60
N PHE B 12 3.48 19.53 -24.97
CA PHE B 12 3.96 19.89 -23.63
C PHE B 12 5.48 20.24 -23.64
N ALA B 13 5.86 21.30 -22.92
CA ALA B 13 7.26 21.74 -22.80
C ALA B 13 8.08 20.73 -22.05
N ASN B 14 7.43 20.02 -21.14
CA ASN B 14 8.08 18.95 -20.39
C ASN B 14 7.00 17.96 -19.90
N PRO B 15 7.41 16.85 -19.26
CA PRO B 15 6.39 15.88 -18.86
C PRO B 15 5.82 16.04 -17.44
N PHE B 16 6.24 17.09 -16.73
CA PHE B 16 5.82 17.32 -15.33
C PHE B 16 4.52 18.10 -15.20
N MET B 17 3.77 17.77 -14.16
CA MET B 17 2.55 18.49 -13.82
C MET B 17 2.28 18.25 -12.35
N ASN B 18 1.52 19.13 -11.70
CA ASN B 18 1.05 18.82 -10.35
C ASN B 18 0.18 17.55 -10.37
N ALA B 19 -0.07 16.99 -9.19
CA ALA B 19 -1.14 15.98 -9.04
C ALA B 19 -2.47 16.66 -8.67
N ALA B 20 -3.60 16.11 -9.09
CA ALA B 20 -4.88 16.64 -8.57
C ALA B 20 -4.80 16.78 -7.04
N GLY B 21 -5.40 17.84 -6.52
CA GLY B 21 -5.35 18.12 -5.10
C GLY B 21 -4.36 19.23 -4.75
N VAL B 22 -3.19 19.22 -5.37
CA VAL B 22 -2.07 20.06 -4.90
C VAL B 22 -1.87 21.31 -5.75
N LEU B 23 -1.98 22.49 -5.11
CA LEU B 23 -1.76 23.77 -5.78
C LEU B 23 -2.70 24.01 -6.99
N CYS B 24 -4.01 23.93 -6.73
CA CYS B 24 -4.95 23.94 -7.84
C CYS B 24 -6.43 24.13 -7.45
N SER B 25 -6.72 24.45 -6.21
CA SER B 25 -8.09 24.55 -5.78
C SER B 25 -8.64 25.93 -6.12
N THR B 26 -7.92 26.98 -5.74
CA THR B 26 -8.36 28.34 -5.99
C THR B 26 -7.75 28.85 -7.29
N GLU B 27 -8.30 29.97 -7.78
CA GLU B 27 -7.84 30.63 -9.02
C GLU B 27 -6.43 31.18 -8.82
N GLU B 28 -6.09 31.51 -7.58
CA GLU B 28 -4.74 31.87 -7.24
C GLU B 28 -3.83 30.69 -7.58
N ASP B 29 -4.14 29.54 -6.99
CA ASP B 29 -3.37 28.31 -7.17
C ASP B 29 -3.07 28.03 -8.65
N LEU B 30 -4.10 28.18 -9.48
CA LEU B 30 -4.04 27.83 -10.90
C LEU B 30 -3.24 28.82 -11.69
N ARG B 31 -3.33 30.10 -11.33
CA ARG B 31 -2.50 31.13 -11.95
C ARG B 31 -1.06 30.77 -11.61
N CYS B 32 -0.83 30.37 -10.36
CA CYS B 32 0.51 29.99 -9.89
C CYS B 32 1.15 28.81 -10.67
N MET B 33 0.44 27.67 -10.71
CA MET B 33 0.84 26.53 -11.55
C MET B 33 1.01 26.88 -13.03
N THR B 34 0.14 27.71 -13.56
CA THR B 34 0.28 28.12 -14.95
C THR B 34 1.57 28.92 -15.11
N ALA B 35 1.94 29.70 -14.11
CA ALA B 35 3.17 30.50 -14.15
C ALA B 35 4.41 29.66 -13.83
N SER B 36 4.21 28.49 -13.24
CA SER B 36 5.29 27.56 -13.00
C SER B 36 5.83 27.02 -14.32
N SER B 37 6.93 26.25 -14.21
CA SER B 37 7.54 25.55 -15.32
C SER B 37 6.89 24.23 -15.66
N SER B 38 5.81 23.88 -14.96
CA SER B 38 5.16 22.61 -15.24
C SER B 38 4.93 22.53 -16.75
N GLY B 39 4.93 21.32 -17.27
CA GLY B 39 4.51 21.11 -18.63
C GLY B 39 3.02 21.31 -18.76
N ALA B 40 2.27 20.95 -17.70
CA ALA B 40 0.78 20.99 -17.68
C ALA B 40 0.28 21.34 -16.27
N LEU B 41 -1.02 21.33 -16.05
CA LEU B 41 -1.58 21.44 -14.69
C LEU B 41 -2.94 20.77 -14.65
N VAL B 42 -3.35 20.33 -13.47
CA VAL B 42 -4.65 19.70 -13.30
C VAL B 42 -5.35 20.38 -12.13
N SER B 43 -6.66 20.54 -12.27
CA SER B 43 -7.48 21.22 -11.28
C SER B 43 -7.81 20.28 -10.14
N LYS B 44 -7.99 20.81 -8.93
CA LYS B 44 -8.56 20.08 -7.82
C LYS B 44 -9.79 19.33 -8.29
N SER B 45 -9.92 18.07 -7.88
CA SER B 45 -11.12 17.31 -8.26
C SER B 45 -12.36 18.05 -7.74
N CYS B 46 -13.36 18.18 -8.60
CA CYS B 46 -14.57 18.91 -8.22
C CYS B 46 -15.87 18.12 -8.27
N THR B 47 -16.82 18.59 -7.46
CA THR B 47 -18.16 18.08 -7.46
C THR B 47 -19.08 19.22 -7.92
N SER B 48 -20.33 18.89 -8.26
CA SER B 48 -21.34 19.89 -8.71
C SER B 48 -21.36 21.15 -7.90
N ALA B 49 -21.32 20.97 -6.57
CA ALA B 49 -21.58 22.04 -5.60
C ALA B 49 -20.36 22.23 -4.72
N PRO B 50 -20.03 23.50 -4.41
CA PRO B 50 -18.79 23.77 -3.65
C PRO B 50 -18.77 23.04 -2.30
N ARG B 51 -17.57 22.70 -1.84
CA ARG B 51 -17.40 21.90 -0.64
C ARG B 51 -16.37 22.48 0.28
N ASP B 52 -16.73 22.53 1.57
CA ASP B 52 -15.86 22.99 2.64
C ASP B 52 -14.82 21.90 2.99
N GLY B 53 -15.17 20.64 2.76
CA GLY B 53 -14.23 19.56 3.03
C GLY B 53 -14.32 19.08 4.46
N ASN B 54 -13.26 18.48 4.95
CA ASN B 54 -13.25 17.91 6.30
C ASN B 54 -12.64 18.87 7.32
N PRO B 55 -12.97 18.68 8.62
CA PRO B 55 -12.34 19.45 9.71
C PRO B 55 -10.82 19.46 9.57
N GLU B 56 -10.18 20.61 9.83
CA GLU B 56 -8.73 20.67 9.92
C GLU B 56 -8.38 20.17 11.31
N PRO B 57 -7.18 19.56 11.50
CA PRO B 57 -6.20 19.15 10.50
C PRO B 57 -6.63 17.95 9.66
N ARG B 58 -6.40 18.08 8.36
CA ARG B 58 -6.77 17.05 7.40
C ARG B 58 -5.62 16.71 6.46
N TYR B 59 -4.50 17.42 6.62
CA TYR B 59 -3.28 17.11 5.91
C TYR B 59 -2.01 17.36 6.74
N MET B 60 -1.05 16.44 6.59
CA MET B 60 0.23 16.53 7.29
C MET B 60 1.33 15.91 6.45
N ALA B 61 2.50 16.54 6.47
CA ALA B 61 3.66 15.95 5.84
C ALA B 61 4.81 15.73 6.81
N PHE B 62 5.60 14.69 6.53
CA PHE B 62 6.71 14.26 7.36
C PHE B 62 7.86 13.89 6.42
N PRO B 63 9.07 13.58 6.95
CA PRO B 63 10.18 13.35 6.03
C PRO B 63 9.94 12.29 4.97
N LEU B 64 9.06 11.33 5.23
CA LEU B 64 8.84 10.22 4.28
C LEU B 64 7.55 10.35 3.46
N GLY B 65 6.87 11.48 3.60
CA GLY B 65 5.63 11.66 2.87
C GLY B 65 4.54 12.34 3.67
N SER B 66 3.30 12.07 3.27
CA SER B 66 2.14 12.84 3.73
C SER B 66 0.95 11.92 3.96
N ILE B 67 -0.03 12.45 4.68
CA ILE B 67 -1.33 11.80 4.89
C ILE B 67 -2.43 12.88 4.77
N ASN B 68 -3.54 12.52 4.13
CA ASN B 68 -4.62 13.48 3.94
C ASN B 68 -5.97 12.83 3.99
N SER B 69 -6.91 13.50 4.62
CA SER B 69 -8.31 13.21 4.42
C SER B 69 -9.00 14.54 4.27
N MET B 70 -8.75 15.17 3.13
CA MET B 70 -9.26 16.49 2.79
C MET B 70 -10.78 16.47 2.76
N GLY B 71 -11.34 15.40 2.21
CA GLY B 71 -12.78 15.30 2.07
C GLY B 71 -13.30 16.10 0.89
N LEU B 72 -12.45 16.29 -0.12
CA LEU B 72 -12.85 16.85 -1.39
C LEU B 72 -13.38 18.30 -1.29
N PRO B 73 -12.64 19.15 -0.55
CA PRO B 73 -12.91 20.59 -0.67
C PRO B 73 -12.60 21.11 -2.08
N ASN B 74 -13.51 21.91 -2.61
CA ASN B 74 -13.34 22.51 -3.92
C ASN B 74 -14.36 23.62 -4.13
N LEU B 75 -14.07 24.51 -5.07
CA LEU B 75 -14.91 25.65 -5.35
C LEU B 75 -16.20 25.29 -6.09
N GLY B 76 -16.33 24.05 -6.51
CA GLY B 76 -17.52 23.59 -7.22
C GLY B 76 -17.28 23.65 -8.70
N PHE B 77 -17.94 22.77 -9.40
CA PHE B 77 -17.66 22.55 -10.79
C PHE B 77 -17.90 23.80 -11.66
N ASP B 78 -18.83 24.67 -11.25
CA ASP B 78 -19.10 25.89 -12.02
C ASP B 78 -17.90 26.82 -12.11
N PHE B 79 -17.14 26.91 -11.02
CA PHE B 79 -15.96 27.73 -11.00
C PHE B 79 -14.88 27.16 -11.88
N TYR B 80 -14.63 25.84 -11.78
CA TYR B 80 -13.56 25.19 -12.58
C TYR B 80 -13.89 25.20 -14.05
N LEU B 81 -15.17 25.13 -14.38
CA LEU B 81 -15.56 25.26 -15.76
C LEU B 81 -15.27 26.66 -16.27
N LYS B 82 -15.62 27.69 -15.50
CA LYS B 82 -15.32 29.08 -15.87
C LYS B 82 -13.82 29.27 -16.10
N TYR B 83 -13.00 28.66 -15.24
CA TYR B 83 -11.54 28.73 -15.38
C TYR B 83 -11.03 28.06 -16.65
N ALA B 84 -11.46 26.83 -16.89
CA ALA B 84 -11.28 26.19 -18.21
C ALA B 84 -11.74 27.09 -19.36
N SER B 85 -12.91 27.71 -19.16
CA SER B 85 -13.66 28.40 -20.19
C SER B 85 -13.06 29.76 -20.53
N ASP B 86 -13.06 30.71 -19.58
CA ASP B 86 -12.72 32.14 -19.84
C ASP B 86 -11.36 32.63 -19.33
N LEU B 87 -10.64 31.84 -18.51
CA LEU B 87 -9.52 32.34 -17.68
C LEU B 87 -8.12 31.74 -17.90
N HIS B 88 -8.04 30.44 -18.19
CA HIS B 88 -6.77 29.78 -18.38
C HIS B 88 -6.06 30.24 -19.66
N ASP B 89 -4.75 30.49 -19.58
CA ASP B 89 -3.99 30.86 -20.77
C ASP B 89 -3.42 29.60 -21.42
N TYR B 90 -4.10 29.18 -22.48
CA TYR B 90 -3.72 27.98 -23.22
C TYR B 90 -2.41 28.13 -24.00
N SER B 91 -1.98 29.37 -24.28
CA SER B 91 -0.70 29.60 -24.92
C SER B 91 0.47 29.13 -24.02
N LYS B 92 0.21 29.07 -22.72
CA LYS B 92 1.22 28.78 -21.68
C LYS B 92 1.45 27.29 -21.45
N LYS B 93 0.35 26.56 -21.34
CA LYS B 93 0.40 25.13 -21.14
C LYS B 93 -1.00 24.52 -21.24
N PRO B 94 -1.08 23.21 -21.49
CA PRO B 94 -2.36 22.56 -21.49
C PRO B 94 -2.96 22.56 -20.11
N LEU B 95 -4.29 22.66 -20.02
CA LEU B 95 -5.05 22.43 -18.76
C LEU B 95 -5.78 21.05 -18.73
N PHE B 96 -5.86 20.45 -17.56
CA PHE B 96 -6.62 19.22 -17.34
C PHE B 96 -7.63 19.58 -16.28
N LEU B 97 -8.88 19.12 -16.42
CA LEU B 97 -9.87 19.38 -15.39
C LEU B 97 -10.31 18.05 -14.78
N SER B 98 -10.13 17.90 -13.47
CA SER B 98 -10.46 16.65 -12.76
C SER B 98 -11.83 16.68 -12.07
N ILE B 99 -12.46 15.53 -12.02
CA ILE B 99 -13.87 15.47 -11.69
C ILE B 99 -14.12 14.29 -10.77
N SER B 100 -14.73 14.56 -9.62
CA SER B 100 -14.93 13.50 -8.66
C SER B 100 -16.26 13.57 -7.97
N GLY B 101 -17.33 13.54 -8.75
CA GLY B 101 -18.70 13.60 -8.23
C GLY B 101 -19.06 12.40 -7.37
N LEU B 102 -20.05 12.59 -6.49
CA LEU B 102 -20.52 11.58 -5.55
C LEU B 102 -21.34 10.45 -6.15
N SER B 103 -21.93 10.68 -7.32
CA SER B 103 -22.72 9.67 -8.00
C SER B 103 -22.37 9.67 -9.48
N VAL B 104 -22.69 8.56 -10.15
CA VAL B 104 -22.59 8.50 -11.62
C VAL B 104 -23.42 9.62 -12.30
N GLU B 105 -24.57 9.98 -11.70
CA GLU B 105 -25.45 11.06 -12.21
C GLU B 105 -24.77 12.42 -12.12
N GLU B 106 -24.16 12.67 -10.96
CA GLU B 106 -23.41 13.90 -10.72
C GLU B 106 -22.31 14.06 -11.79
N ASN B 107 -21.66 12.95 -12.16
CA ASN B 107 -20.60 12.97 -13.16
C ASN B 107 -21.11 13.13 -14.60
N VAL B 108 -22.15 12.38 -14.94
CA VAL B 108 -22.86 12.61 -16.21
C VAL B 108 -23.28 14.11 -16.37
N ALA B 109 -23.90 14.71 -15.34
CA ALA B 109 -24.23 16.15 -15.38
C ALA B 109 -23.03 17.09 -15.69
N MET B 110 -21.89 16.86 -15.05
CA MET B 110 -20.71 17.71 -15.28
C MET B 110 -20.11 17.56 -16.69
N VAL B 111 -19.98 16.32 -17.15
CA VAL B 111 -19.25 16.06 -18.42
C VAL B 111 -19.97 16.58 -19.67
N ARG B 112 -21.30 16.48 -19.66
CA ARG B 112 -22.11 16.92 -20.81
C ARG B 112 -21.81 18.38 -21.02
N ARG B 113 -21.75 19.09 -19.89
CA ARG B 113 -21.49 20.53 -19.87
C ARG B 113 -20.04 20.86 -20.18
N LEU B 114 -19.15 19.91 -19.86
CA LEU B 114 -17.73 20.08 -20.09
C LEU B 114 -17.34 19.83 -21.54
N ALA B 115 -18.00 18.89 -22.23
CA ALA B 115 -17.73 18.59 -23.64
C ALA B 115 -17.71 19.80 -24.61
N PRO B 116 -18.71 20.71 -24.52
CA PRO B 116 -18.63 21.85 -25.44
C PRO B 116 -17.37 22.68 -25.25
N VAL B 117 -16.87 22.74 -24.01
CA VAL B 117 -15.67 23.54 -23.71
C VAL B 117 -14.40 22.81 -24.14
N ALA B 118 -14.33 21.51 -23.83
CA ALA B 118 -13.27 20.61 -24.31
C ALA B 118 -13.01 20.69 -25.83
N GLN B 119 -14.10 20.62 -26.62
CA GLN B 119 -14.05 20.87 -28.05
C GLN B 119 -13.52 22.26 -28.36
N GLU B 120 -14.19 23.26 -27.80
CA GLU B 120 -13.92 24.68 -28.03
C GLU B 120 -12.51 25.11 -27.56
N LYS B 121 -12.07 24.61 -26.39
CA LYS B 121 -10.81 25.04 -25.77
C LYS B 121 -9.65 24.06 -25.74
N GLY B 122 -9.96 22.76 -25.80
CA GLY B 122 -8.91 21.74 -25.71
C GLY B 122 -8.60 21.17 -24.33
N VAL B 123 -9.26 21.67 -23.29
CA VAL B 123 -9.14 21.15 -21.91
C VAL B 123 -9.39 19.63 -21.80
N LEU B 124 -8.60 18.96 -20.97
CA LEU B 124 -8.61 17.51 -20.90
C LEU B 124 -9.23 16.94 -19.62
N LEU B 125 -10.01 15.89 -19.76
CA LEU B 125 -10.79 15.38 -18.64
C LEU B 125 -10.07 14.24 -17.89
N GLU B 126 -9.84 14.42 -16.59
CA GLU B 126 -9.33 13.33 -15.76
C GLU B 126 -10.39 12.95 -14.76
N LEU B 127 -11.16 11.91 -15.09
CA LEU B 127 -12.17 11.39 -14.17
C LEU B 127 -11.53 10.69 -12.98
N ASN B 128 -11.88 11.12 -11.78
CA ASN B 128 -11.36 10.51 -10.54
C ASN B 128 -12.23 9.34 -10.00
N LEU B 129 -11.70 8.13 -10.18
CA LEU B 129 -12.38 6.90 -9.78
C LEU B 129 -12.06 6.43 -8.35
N SER B 130 -11.49 7.32 -7.55
CA SER B 130 -11.27 7.09 -6.12
C SER B 130 -12.38 7.81 -5.29
N CYS B 131 -13.45 8.17 -5.98
CA CYS B 131 -14.59 8.87 -5.40
C CYS B 131 -15.55 7.93 -4.66
N PRO B 132 -16.45 8.50 -3.83
CA PRO B 132 -17.66 7.79 -3.35
C PRO B 132 -18.27 7.08 -4.54
N ASN B 133 -18.88 5.90 -4.39
CA ASN B 133 -19.59 5.36 -3.22
C ASN B 133 -18.82 5.07 -1.88
N VAL B 134 -19.53 4.95 -0.73
CA VAL B 134 -21.02 5.05 -0.59
C VAL B 134 -21.55 5.75 0.68
N PRO B 135 -21.28 5.22 1.91
CA PRO B 135 -20.50 4.06 2.38
C PRO B 135 -21.22 2.70 2.30
N GLY B 136 -20.51 1.63 2.70
CA GLY B 136 -21.02 0.25 2.66
C GLY B 136 -20.49 -0.55 1.47
N LYS B 137 -19.80 0.14 0.56
CA LYS B 137 -19.20 -0.43 -0.65
C LYS B 137 -17.88 0.31 -0.93
N PRO B 138 -16.90 -0.38 -1.55
CA PRO B 138 -15.56 0.19 -1.79
C PRO B 138 -15.57 1.30 -2.84
N GLN B 139 -14.51 2.11 -2.91
CA GLN B 139 -14.48 3.23 -3.87
C GLN B 139 -14.82 2.66 -5.23
N VAL B 140 -15.14 3.50 -6.19
CA VAL B 140 -15.62 2.98 -7.49
C VAL B 140 -14.62 2.00 -8.10
N ALA B 141 -13.34 2.33 -8.03
CA ALA B 141 -12.31 1.52 -8.69
C ALA B 141 -12.10 0.14 -8.07
N TYR B 142 -12.15 0.04 -6.74
CA TYR B 142 -12.01 -1.26 -6.11
C TYR B 142 -13.26 -2.13 -6.29
N ASP B 143 -14.16 -1.71 -7.17
CA ASP B 143 -15.45 -2.37 -7.38
C ASP B 143 -15.72 -2.45 -8.87
N PHE B 144 -15.32 -3.55 -9.49
CA PHE B 144 -15.21 -3.59 -10.96
C PHE B 144 -16.51 -3.45 -11.77
N GLU B 145 -17.64 -3.77 -11.16
CA GLU B 145 -18.94 -3.59 -11.83
C GLU B 145 -19.40 -2.13 -11.91
N ALA B 146 -19.18 -1.38 -10.82
CA ALA B 146 -19.48 0.06 -10.80
C ALA B 146 -18.57 0.82 -11.77
N MET B 147 -17.27 0.51 -11.72
CA MET B 147 -16.29 1.07 -12.67
C MET B 147 -16.77 0.94 -14.11
N ARG B 148 -17.29 -0.22 -14.50
CA ARG B 148 -17.81 -0.44 -15.88
C ARG B 148 -19.06 0.41 -16.20
N THR B 149 -19.91 0.61 -15.20
CA THR B 149 -21.05 1.52 -15.31
C THR B 149 -20.58 2.98 -15.47
N TYR B 150 -19.86 3.49 -14.48
CA TYR B 150 -19.30 4.85 -14.56
C TYR B 150 -18.66 5.15 -15.92
N LEU B 151 -17.91 4.18 -16.46
CA LEU B 151 -17.20 4.39 -17.70
C LEU B 151 -18.15 4.41 -18.89
N GLN B 152 -19.12 3.49 -18.85
CA GLN B 152 -20.19 3.40 -19.84
C GLN B 152 -20.87 4.74 -19.94
N GLN B 153 -21.40 5.19 -18.80
CA GLN B 153 -22.18 6.42 -18.68
C GLN B 153 -21.42 7.70 -19.06
N VAL B 154 -20.21 7.87 -18.53
CA VAL B 154 -19.37 9.02 -18.87
C VAL B 154 -18.99 8.95 -20.35
N SER B 155 -18.56 7.78 -20.79
CA SER B 155 -18.24 7.55 -22.20
C SER B 155 -19.41 7.97 -23.09
N LEU B 156 -20.64 7.65 -22.67
CA LEU B 156 -21.83 8.01 -23.44
C LEU B 156 -22.09 9.51 -23.42
N ALA B 157 -21.91 10.10 -22.23
CA ALA B 157 -22.21 11.51 -22.00
C ALA B 157 -21.12 12.47 -22.48
N TYR B 158 -19.86 12.12 -22.26
CA TYR B 158 -18.75 12.99 -22.65
C TYR B 158 -18.50 12.84 -24.14
N GLY B 159 -18.30 11.60 -24.59
CA GLY B 159 -18.09 11.32 -26.00
C GLY B 159 -16.79 11.85 -26.62
N LEU B 160 -15.91 12.42 -25.79
CA LEU B 160 -14.57 12.82 -26.23
C LEU B 160 -13.50 12.04 -25.46
N PRO B 161 -12.26 12.00 -25.98
CA PRO B 161 -11.14 11.41 -25.26
C PRO B 161 -11.01 11.98 -23.87
N PHE B 162 -10.87 11.09 -22.90
CA PHE B 162 -10.64 11.49 -21.52
C PHE B 162 -9.78 10.46 -20.85
N GLY B 163 -9.35 10.79 -19.64
CA GLY B 163 -8.43 9.96 -18.88
C GLY B 163 -8.93 9.70 -17.50
N VAL B 164 -8.24 8.79 -16.82
CA VAL B 164 -8.77 8.21 -15.59
C VAL B 164 -7.73 8.16 -14.49
N LYS B 165 -8.13 8.60 -13.30
CA LYS B 165 -7.30 8.53 -12.10
C LYS B 165 -7.67 7.25 -11.35
N MET B 166 -6.66 6.39 -11.17
CA MET B 166 -6.76 5.07 -10.58
C MET B 166 -6.16 4.98 -9.17
N PRO B 167 -6.86 4.29 -8.25
CA PRO B 167 -6.22 3.99 -6.97
C PRO B 167 -5.18 2.89 -7.21
N PRO B 168 -4.29 2.66 -6.24
CA PRO B 168 -3.34 1.57 -6.41
C PRO B 168 -4.00 0.22 -6.23
N TYR B 169 -3.60 -0.75 -7.06
CA TYR B 169 -3.92 -2.17 -6.79
C TYR B 169 -2.67 -2.92 -6.29
N PHE B 170 -2.89 -4.12 -5.75
CA PHE B 170 -1.87 -4.85 -5.00
C PHE B 170 -1.85 -6.32 -5.32
N ASP B 171 -2.69 -6.70 -6.29
CA ASP B 171 -2.84 -8.09 -6.65
C ASP B 171 -2.96 -8.25 -8.17
N ILE B 172 -2.25 -9.25 -8.70
CA ILE B 172 -2.18 -9.49 -10.16
C ILE B 172 -3.54 -9.63 -10.82
N ALA B 173 -4.43 -10.39 -10.20
CA ALA B 173 -5.76 -10.61 -10.73
C ALA B 173 -6.57 -9.32 -10.87
N HIS B 174 -6.37 -8.39 -9.93
CA HIS B 174 -6.96 -7.05 -9.98
C HIS B 174 -6.36 -6.23 -11.11
N PHE B 175 -5.04 -6.21 -11.20
CA PHE B 175 -4.42 -5.58 -12.36
C PHE B 175 -5.05 -6.09 -13.66
N ASP B 176 -5.17 -7.42 -13.80
CA ASP B 176 -5.78 -8.04 -14.97
C ASP B 176 -7.24 -7.60 -15.14
N THR B 177 -8.03 -7.69 -14.07
CA THR B 177 -9.44 -7.32 -14.13
C THR B 177 -9.60 -5.82 -14.44
N ALA B 178 -8.94 -4.98 -13.64
CA ALA B 178 -8.97 -3.53 -13.83
C ALA B 178 -8.68 -3.12 -15.25
N ALA B 179 -7.57 -3.62 -15.78
CA ALA B 179 -7.12 -3.33 -17.15
C ALA B 179 -8.15 -3.72 -18.22
N ALA B 180 -8.71 -4.92 -18.08
CA ALA B 180 -9.71 -5.40 -19.01
C ALA B 180 -10.93 -4.50 -18.99
N VAL B 181 -11.33 -4.04 -17.81
CA VAL B 181 -12.38 -2.99 -17.74
C VAL B 181 -12.03 -1.72 -18.56
N LEU B 182 -10.87 -1.11 -18.32
CA LEU B 182 -10.52 0.12 -19.04
C LEU B 182 -10.28 -0.07 -20.55
N ASN B 183 -9.96 -1.30 -20.93
CA ASN B 183 -9.72 -1.64 -22.33
C ASN B 183 -11.01 -1.72 -23.15
N GLU B 184 -12.09 -2.04 -22.47
CA GLU B 184 -13.44 -1.92 -23.04
C GLU B 184 -13.72 -0.59 -23.71
N PHE B 185 -13.04 0.47 -23.30
CA PHE B 185 -13.48 1.84 -23.62
C PHE B 185 -12.47 2.63 -24.42
N PRO B 186 -12.64 2.64 -25.75
CA PRO B 186 -11.67 3.31 -26.63
C PRO B 186 -11.52 4.79 -26.31
N LEU B 187 -12.47 5.35 -25.57
CA LEU B 187 -12.42 6.78 -25.21
C LEU B 187 -11.46 7.12 -24.06
N VAL B 188 -11.14 6.12 -23.23
CA VAL B 188 -10.26 6.37 -22.09
C VAL B 188 -8.81 6.44 -22.60
N LYS B 189 -8.37 7.60 -23.06
CA LYS B 189 -7.12 7.65 -23.79
C LYS B 189 -5.89 7.59 -22.91
N PHE B 190 -6.05 7.79 -21.61
CA PHE B 190 -4.90 7.80 -20.71
C PHE B 190 -5.31 7.35 -19.31
N VAL B 191 -4.37 6.75 -18.59
CA VAL B 191 -4.56 6.30 -17.22
C VAL B 191 -3.52 7.03 -16.30
N THR B 192 -3.97 7.43 -15.11
CA THR B 192 -3.06 8.00 -14.12
C THR B 192 -3.03 7.08 -12.92
N CYS B 193 -1.88 6.40 -12.79
CA CYS B 193 -1.54 5.55 -11.66
C CYS B 193 -0.39 6.25 -10.92
N VAL B 194 -0.55 6.49 -9.62
CA VAL B 194 -1.75 6.15 -8.87
C VAL B 194 -2.20 7.34 -8.00
N ASN B 195 -3.40 7.19 -7.44
CA ASN B 195 -3.91 8.07 -6.39
C ASN B 195 -3.30 7.66 -5.02
N SER B 196 -3.59 8.41 -3.95
CA SER B 196 -3.01 8.06 -2.62
C SER B 196 -3.33 6.62 -2.20
N VAL B 197 -2.41 6.07 -1.42
CA VAL B 197 -2.49 4.69 -0.93
C VAL B 197 -3.45 4.71 0.26
N GLY B 198 -4.60 4.09 0.08
CA GLY B 198 -5.76 4.35 0.92
C GLY B 198 -5.62 3.96 2.36
N ASN B 199 -6.02 4.87 3.25
CA ASN B 199 -6.27 4.57 4.66
C ASN B 199 -5.04 4.13 5.49
N GLY B 200 -3.93 4.84 5.35
CA GLY B 200 -2.80 4.63 6.23
C GLY B 200 -3.12 5.43 7.49
N LEU B 201 -2.30 5.25 8.52
CA LEU B 201 -2.53 5.85 9.82
C LEU B 201 -1.20 6.25 10.38
N VAL B 202 -0.95 7.55 10.42
CA VAL B 202 0.25 8.05 11.08
C VAL B 202 -0.03 8.37 12.56
N ILE B 203 0.83 7.88 13.44
CA ILE B 203 0.72 8.21 14.87
C ILE B 203 1.98 8.96 15.34
N ASP B 204 1.76 9.92 16.24
CA ASP B 204 2.82 10.72 16.81
C ASP B 204 3.20 10.15 18.18
N ALA B 205 4.42 9.64 18.31
CA ALA B 205 4.88 9.09 19.58
C ALA B 205 4.77 10.01 20.83
N GLU B 206 5.15 11.30 20.72
CA GLU B 206 5.11 12.20 21.89
C GLU B 206 3.68 12.44 22.38
N SER B 207 2.79 12.90 21.52
CA SER B 207 1.44 13.19 21.96
C SER B 207 0.61 11.91 22.07
N GLU B 208 1.12 10.81 21.49
CA GLU B 208 0.42 9.54 21.49
C GLU B 208 -0.94 9.69 20.81
N SER B 209 -0.97 10.57 19.80
CA SER B 209 -2.18 10.98 19.10
C SER B 209 -2.07 10.78 17.59
N VAL B 210 -3.17 10.45 16.93
CA VAL B 210 -3.21 10.50 15.45
C VAL B 210 -2.92 11.93 14.93
N VAL B 211 -2.66 12.13 13.65
CA VAL B 211 -2.24 13.47 13.19
C VAL B 211 -3.22 14.24 12.33
N ILE B 212 -4.16 13.54 11.68
CA ILE B 212 -5.23 14.23 10.97
C ILE B 212 -6.54 13.94 11.72
N LYS B 213 -7.45 14.89 11.72
CA LYS B 213 -8.62 14.80 12.58
C LYS B 213 -9.69 13.87 12.01
N PRO B 214 -10.05 13.99 10.72
CA PRO B 214 -11.03 13.10 10.06
C PRO B 214 -10.73 11.59 10.13
N LYS B 215 -11.79 10.80 10.31
CA LYS B 215 -11.75 9.32 10.27
C LYS B 215 -10.80 8.70 11.31
N GLN B 216 -10.84 9.23 12.52
CA GLN B 216 -9.97 8.73 13.55
C GLN B 216 -8.48 8.62 13.11
N GLY B 217 -8.04 9.56 12.27
CA GLY B 217 -6.64 9.64 11.86
C GLY B 217 -6.29 8.99 10.52
N PHE B 218 -7.23 8.19 10.00
CA PHE B 218 -7.02 7.38 8.80
C PHE B 218 -7.13 8.24 7.55
N GLY B 219 -6.14 8.21 6.67
CA GLY B 219 -6.25 9.01 5.43
C GLY B 219 -5.31 8.47 4.36
N GLY B 220 -5.35 9.06 3.17
CA GLY B 220 -4.51 8.60 2.06
C GLY B 220 -3.03 8.98 2.20
N LEU B 221 -2.16 8.12 1.68
CA LEU B 221 -0.71 8.31 1.84
C LEU B 221 -0.07 8.73 0.53
N GLY B 222 0.86 9.67 0.60
CA GLY B 222 1.72 9.90 -0.53
C GLY B 222 3.18 9.99 -0.13
N GLY B 223 4.00 10.28 -1.14
CA GLY B 223 5.38 10.60 -0.90
C GLY B 223 6.27 9.41 -1.05
N LYS B 224 7.34 9.38 -0.26
CA LYS B 224 8.41 8.38 -0.37
C LYS B 224 7.94 6.99 0.06
N TYR B 225 6.83 6.93 0.78
CA TYR B 225 6.25 5.64 1.09
C TYR B 225 5.71 4.93 -0.16
N ILE B 226 5.37 5.65 -1.23
CA ILE B 226 4.48 5.00 -2.22
C ILE B 226 5.05 4.77 -3.60
N LEU B 227 6.32 5.12 -3.76
CA LEU B 227 6.98 5.08 -5.06
C LEU B 227 6.99 3.69 -5.69
N PRO B 228 7.40 2.67 -4.94
CA PRO B 228 7.40 1.40 -5.68
C PRO B 228 5.97 0.96 -6.05
N THR B 229 5.00 1.19 -5.16
CA THR B 229 3.62 0.91 -5.46
C THR B 229 3.18 1.74 -6.67
N ALA B 230 3.60 2.99 -6.75
CA ALA B 230 3.23 3.77 -7.95
C ALA B 230 3.90 3.21 -9.22
N LEU B 231 5.12 2.69 -9.08
CA LEU B 231 5.86 2.22 -10.22
C LEU B 231 5.35 0.86 -10.62
N ALA B 232 4.98 0.03 -9.64
CA ALA B 232 4.27 -1.25 -9.96
C ALA B 232 3.00 -1.01 -10.81
N ASN B 233 2.17 -0.05 -10.42
CA ASN B 233 0.99 0.34 -11.18
C ASN B 233 1.22 1.06 -12.54
N VAL B 234 2.26 1.88 -12.64
CA VAL B 234 2.54 2.51 -13.92
C VAL B 234 2.93 1.40 -14.86
N ASN B 235 3.90 0.59 -14.45
CA ASN B 235 4.31 -0.51 -15.30
C ASN B 235 3.22 -1.50 -15.62
N ALA B 236 2.45 -1.88 -14.60
CA ALA B 236 1.43 -2.92 -14.75
C ALA B 236 0.37 -2.57 -15.80
N PHE B 237 0.05 -1.26 -15.89
CA PHE B 237 -0.99 -0.73 -16.75
C PHE B 237 -0.45 -0.32 -18.11
N TYR B 238 0.87 -0.23 -18.20
CA TYR B 238 1.53 0.07 -19.46
C TYR B 238 1.60 -1.20 -20.29
N ARG B 239 1.87 -2.31 -19.64
CA ARG B 239 1.91 -3.61 -20.28
C ARG B 239 0.48 -4.06 -20.74
N ARG B 240 -0.52 -3.87 -19.88
CA ARG B 240 -1.85 -4.32 -20.22
C ARG B 240 -2.64 -3.35 -21.09
N CYS B 241 -2.10 -2.16 -21.32
CA CYS B 241 -2.87 -1.09 -21.99
C CYS B 241 -2.08 -0.45 -23.13
N PRO B 242 -1.91 -1.21 -24.23
CA PRO B 242 -0.95 -0.81 -25.25
C PRO B 242 -1.45 0.30 -26.13
N ASP B 243 -2.77 0.57 -26.08
CA ASP B 243 -3.41 1.64 -26.83
C ASP B 243 -3.79 2.84 -25.96
N LYS B 244 -3.36 2.83 -24.70
CA LYS B 244 -3.54 3.98 -23.84
C LYS B 244 -2.19 4.55 -23.41
N LEU B 245 -2.16 5.85 -23.15
CA LEU B 245 -1.03 6.43 -22.44
C LEU B 245 -1.15 6.08 -20.97
N VAL B 246 0.00 5.87 -20.31
CA VAL B 246 0.07 5.91 -18.83
C VAL B 246 0.77 7.17 -18.29
N PHE B 247 0.13 7.78 -17.28
CA PHE B 247 0.59 8.94 -16.50
C PHE B 247 0.98 8.45 -15.12
N GLY B 248 2.18 8.81 -14.66
CA GLY B 248 2.67 8.30 -13.39
C GLY B 248 2.46 9.32 -12.31
N CYS B 249 2.18 8.84 -11.09
CA CYS B 249 1.98 9.69 -9.94
C CYS B 249 2.30 8.87 -8.72
N GLY B 250 3.14 9.44 -7.87
CA GLY B 250 3.36 8.86 -6.58
C GLY B 250 4.82 8.82 -6.25
N GLY B 251 5.19 9.56 -5.21
CA GLY B 251 6.55 9.56 -4.72
C GLY B 251 7.59 10.25 -5.58
N VAL B 252 7.21 11.20 -6.43
CA VAL B 252 8.22 11.98 -7.16
C VAL B 252 8.80 13.11 -6.30
N TYR B 253 10.09 13.02 -6.00
CA TYR B 253 10.77 14.10 -5.32
C TYR B 253 11.96 14.61 -6.14
N SER B 254 12.34 13.85 -7.16
CA SER B 254 13.58 14.11 -7.90
C SER B 254 13.48 13.71 -9.38
N GLY B 255 14.49 14.13 -10.16
CA GLY B 255 14.65 13.74 -11.56
C GLY B 255 14.71 12.23 -11.70
N GLU B 256 15.46 11.62 -10.77
CA GLU B 256 15.59 10.17 -10.67
C GLU B 256 14.26 9.50 -10.39
N ASP B 257 13.42 10.11 -9.57
CA ASP B 257 12.10 9.51 -9.30
C ASP B 257 11.24 9.57 -10.57
N ALA B 258 11.37 10.67 -11.32
CA ALA B 258 10.62 10.82 -12.56
C ALA B 258 11.15 9.83 -13.60
N PHE B 259 12.49 9.79 -13.73
CA PHE B 259 13.16 8.85 -14.64
C PHE B 259 12.63 7.42 -14.41
N LEU B 260 12.54 7.00 -13.15
CA LEU B 260 12.01 5.68 -12.83
C LEU B 260 10.54 5.55 -13.31
N HIS B 261 9.76 6.63 -13.20
CA HIS B 261 8.39 6.59 -13.64
C HIS B 261 8.34 6.45 -15.17
N ILE B 262 9.24 7.15 -15.85
CA ILE B 262 9.24 7.07 -17.32
C ILE B 262 9.64 5.66 -17.77
N LEU B 263 10.64 5.09 -17.12
CA LEU B 263 11.11 3.76 -17.44
C LEU B 263 10.00 2.75 -17.31
N ALA B 264 9.12 2.97 -16.34
CA ALA B 264 8.02 2.05 -16.13
C ALA B 264 6.92 2.24 -17.21
N GLY B 265 7.06 3.29 -18.02
CA GLY B 265 6.12 3.55 -19.12
C GLY B 265 5.32 4.84 -19.01
N ALA B 266 5.75 5.75 -18.15
CA ALA B 266 4.99 6.98 -17.91
C ALA B 266 5.25 7.95 -19.04
N SER B 267 4.21 8.65 -19.43
CA SER B 267 4.33 9.70 -20.43
C SER B 267 4.32 11.04 -19.72
N MET B 268 3.39 11.23 -18.79
CA MET B 268 3.33 12.41 -17.93
C MET B 268 3.69 11.93 -16.56
N VAL B 269 4.34 12.80 -15.79
CA VAL B 269 4.78 12.50 -14.44
C VAL B 269 4.26 13.59 -13.49
N GLN B 270 3.60 13.16 -12.43
CA GLN B 270 2.87 14.03 -11.53
C GLN B 270 3.52 14.16 -10.16
N VAL B 271 3.31 15.32 -9.55
CA VAL B 271 3.91 15.63 -8.26
C VAL B 271 2.81 16.19 -7.37
N GLY B 272 2.64 15.53 -6.22
CA GLY B 272 1.73 15.95 -5.18
C GLY B 272 2.48 16.31 -3.92
N THR B 273 2.94 15.31 -3.15
CA THR B 273 3.50 15.56 -1.82
C THR B 273 4.71 16.50 -1.84
N ALA B 274 5.66 16.24 -2.75
CA ALA B 274 6.84 17.08 -2.91
C ALA B 274 6.46 18.49 -3.32
N LEU B 275 5.54 18.60 -4.28
CA LEU B 275 5.02 19.91 -4.70
C LEU B 275 4.37 20.65 -3.53
N GLN B 276 3.60 19.90 -2.73
CA GLN B 276 2.96 20.50 -1.58
C GLN B 276 4.01 21.01 -0.64
N GLU B 277 5.10 20.26 -0.51
CA GLU B 277 6.13 20.56 0.50
C GLU B 277 7.21 21.53 0.06
N GLU B 278 7.44 21.69 -1.23
CA GLU B 278 8.60 22.44 -1.71
C GLU B 278 8.22 23.71 -2.48
N GLY B 279 7.07 23.66 -3.13
CA GLY B 279 6.56 24.78 -3.89
C GLY B 279 6.83 24.53 -5.34
N PRO B 280 6.28 25.38 -6.22
CA PRO B 280 6.41 25.19 -7.67
C PRO B 280 7.83 25.41 -8.24
N GLY B 281 8.77 25.89 -7.43
CA GLY B 281 10.21 25.91 -7.84
C GLY B 281 10.69 24.52 -8.24
N ILE B 282 9.99 23.53 -7.70
CA ILE B 282 10.33 22.11 -7.86
C ILE B 282 10.37 21.71 -9.33
N PHE B 283 9.62 22.41 -10.15
CA PHE B 283 9.59 22.01 -11.54
C PHE B 283 10.88 22.31 -12.27
N THR B 284 11.59 23.35 -11.90
CA THR B 284 12.85 23.66 -12.57
C THR B 284 13.95 22.70 -12.10
N ARG B 285 13.90 22.33 -10.83
CA ARG B 285 14.81 21.34 -10.30
C ARG B 285 14.59 20.04 -11.02
N LEU B 286 13.37 19.52 -10.90
CA LEU B 286 13.04 18.25 -11.51
C LEU B 286 13.41 18.16 -12.98
N GLU B 287 13.14 19.20 -13.74
CA GLU B 287 13.62 19.31 -15.09
C GLU B 287 15.13 19.11 -15.17
N ASP B 288 15.89 19.85 -14.35
CA ASP B 288 17.33 19.84 -14.52
C ASP B 288 17.84 18.44 -14.28
N GLU B 289 17.35 17.85 -13.20
CA GLU B 289 17.85 16.58 -12.74
C GLU B 289 17.57 15.53 -13.82
N LEU B 290 16.31 15.31 -14.14
CA LEU B 290 16.00 14.41 -15.25
C LEU B 290 16.91 14.71 -16.45
N LEU B 291 17.00 15.96 -16.85
CA LEU B 291 17.81 16.28 -18.01
C LEU B 291 19.26 15.87 -17.78
N GLU B 292 19.71 15.87 -16.53
CA GLU B 292 21.10 15.54 -16.24
C GLU B 292 21.30 14.05 -16.43
N ILE B 293 20.48 13.26 -15.73
CA ILE B 293 20.40 11.79 -15.93
C ILE B 293 20.38 11.40 -17.41
N MET B 294 19.48 12.00 -18.18
CA MET B 294 19.48 11.73 -19.61
C MET B 294 20.85 11.99 -20.21
N ALA B 295 21.46 13.13 -19.90
CA ALA B 295 22.72 13.52 -20.55
C ALA B 295 23.82 12.53 -20.20
N ARG B 296 23.84 12.16 -18.92
CA ARG B 296 24.82 11.22 -18.40
C ARG B 296 24.74 9.84 -19.11
N LYS B 297 23.52 9.38 -19.38
CA LYS B 297 23.31 8.07 -19.98
C LYS B 297 23.36 8.07 -21.49
N GLY B 298 23.24 9.24 -22.11
CA GLY B 298 23.23 9.33 -23.58
C GLY B 298 21.85 9.16 -24.20
N TYR B 299 20.83 9.66 -23.50
CA TYR B 299 19.46 9.67 -23.98
C TYR B 299 19.08 11.07 -24.46
N ARG B 300 18.40 11.15 -25.59
CA ARG B 300 17.99 12.45 -26.19
C ARG B 300 16.49 12.75 -26.07
N THR B 301 15.70 11.70 -25.95
CA THR B 301 14.27 11.83 -25.99
C THR B 301 13.69 10.96 -24.92
N LEU B 302 12.48 11.29 -24.48
CA LEU B 302 11.79 10.50 -23.49
C LEU B 302 11.47 9.16 -24.11
N GLU B 303 11.06 9.15 -25.38
CA GLU B 303 10.71 7.91 -26.12
C GLU B 303 11.82 6.84 -26.15
N GLU B 304 13.09 7.27 -26.07
CA GLU B 304 14.21 6.34 -26.03
C GLU B 304 14.18 5.31 -24.89
N PHE B 305 13.72 5.73 -23.70
CA PHE B 305 13.63 4.82 -22.52
C PHE B 305 12.25 4.60 -21.84
N ARG B 306 11.18 5.24 -22.33
CA ARG B 306 9.87 5.02 -21.76
C ARG B 306 9.45 3.58 -21.92
N GLY B 307 8.99 2.99 -20.81
CA GLY B 307 8.55 1.59 -20.80
C GLY B 307 9.68 0.57 -20.86
N ARG B 308 10.93 1.04 -20.86
CA ARG B 308 12.05 0.17 -21.16
C ARG B 308 12.80 -0.41 -19.97
N VAL B 309 12.16 -0.48 -18.80
CA VAL B 309 12.74 -1.20 -17.66
C VAL B 309 13.09 -2.65 -18.04
N LYS B 310 14.26 -3.09 -17.62
CA LYS B 310 14.69 -4.43 -17.90
C LYS B 310 14.21 -5.37 -16.80
N THR B 311 13.74 -6.54 -17.21
CA THR B 311 13.54 -7.64 -16.29
C THR B 311 14.83 -8.45 -16.30
N ILE B 312 14.89 -9.47 -15.45
CA ILE B 312 16.07 -10.33 -15.35
C ILE B 312 15.81 -11.71 -16.00
N GLU B 313 16.63 -12.03 -17.02
CA GLU B 313 16.69 -13.35 -17.69
C GLU B 313 15.40 -13.82 -18.36
#